data_7AXY
#
_entry.id   7AXY
#
_cell.length_a   57.517
_cell.length_b   57.517
_cell.length_c   159.445
_cell.angle_alpha   90.000
_cell.angle_beta   90.000
_cell.angle_gamma   120.000
#
_symmetry.space_group_name_H-M   'P 32 2 1'
#
loop_
_entity.id
_entity.type
_entity.pdbx_description
1 polymer 'Chaperone protein IpgC'
2 non-polymer 'CHLORIDE ION'
3 non-polymer 'DIMETHYL SULFOXIDE'
4 non-polymer 'MAGNESIUM ION'
5 non-polymer 5-azanyl-3-pyrrolidin-1-yl-1~{H}-pyrazole-4-carbonitrile
6 water water
#
_entity_poly.entity_id   1
_entity_poly.type   'polypeptide(L)'
_entity_poly.pdbx_seq_one_letter_code
;GSISTAVIDAINSGATLKDINAIPDDMMDDIYSYAYDFYNKGRIEEAEVFFRFLCIYDFYNVDYIMGLAAIYQIKEQFQQ
AADLYAVAFALGKNDYTPVFHTGQCQLRLKAPLKAKECFELVIQHSNDEKLKIKAQSYLDAIQ
;
_entity_poly.pdbx_strand_id   A,B
#
# COMPACT_ATOMS: atom_id res chain seq x y z
N LEU A 17 6.41 17.79 -7.41
CA LEU A 17 7.52 18.74 -7.34
C LEU A 17 8.86 18.02 -7.53
N LYS A 18 8.92 16.78 -7.01
CA LYS A 18 10.09 15.94 -7.25
C LYS A 18 10.28 15.67 -8.73
N ASP A 19 9.17 15.47 -9.46
CA ASP A 19 9.24 15.16 -10.88
C ASP A 19 9.92 16.27 -11.68
N ILE A 20 9.86 17.51 -11.19
CA ILE A 20 10.44 18.64 -11.90
C ILE A 20 11.71 19.17 -11.22
N ASN A 21 12.24 18.43 -10.24
CA ASN A 21 13.48 18.82 -9.55
C ASN A 21 13.40 20.25 -9.02
N ALA A 22 12.31 20.54 -8.31
CA ALA A 22 12.09 21.89 -7.82
C ALA A 22 13.06 22.27 -6.70
N ILE A 23 13.59 21.28 -5.98
CA ILE A 23 14.56 21.46 -4.90
C ILE A 23 15.69 20.46 -5.11
N PRO A 24 16.96 20.87 -4.99
CA PRO A 24 18.06 19.93 -5.28
C PRO A 24 18.04 18.73 -4.34
N ASP A 25 18.60 17.61 -4.82
CA ASP A 25 18.57 16.36 -4.07
C ASP A 25 19.23 16.49 -2.71
N ASP A 26 20.38 17.17 -2.65
CA ASP A 26 21.10 17.31 -1.39
C ASP A 26 20.29 18.10 -0.37
N MET A 27 19.57 19.13 -0.84
CA MET A 27 18.75 19.91 0.07
C MET A 27 17.59 19.09 0.62
N MET A 28 16.98 18.25 -0.23
CA MET A 28 15.92 17.38 0.27
C MET A 28 16.44 16.42 1.33
N ASP A 29 17.64 15.85 1.11
CA ASP A 29 18.23 15.00 2.13
C ASP A 29 18.38 15.74 3.44
N ASP A 30 18.81 17.00 3.37
CA ASP A 30 18.97 17.79 4.58
C ASP A 30 17.64 17.98 5.28
N ILE A 31 16.58 18.28 4.51
CA ILE A 31 15.26 18.47 5.10
C ILE A 31 14.78 17.18 5.74
N TYR A 32 15.03 16.04 5.10
CA TYR A 32 14.63 14.76 5.69
C TYR A 32 15.39 14.51 6.99
N SER A 33 16.69 14.82 7.01
N SER A 33 16.69 14.84 7.02
CA SER A 33 17.46 14.66 8.24
CA SER A 33 17.47 14.66 8.24
C SER A 33 16.97 15.61 9.33
C SER A 33 17.01 15.63 9.34
N TYR A 34 16.62 16.85 8.96
CA TYR A 34 16.10 17.78 9.96
C TYR A 34 14.76 17.29 10.50
N ALA A 35 13.92 16.74 9.63
CA ALA A 35 12.65 16.17 10.09
C ALA A 35 12.88 15.07 11.11
N TYR A 36 13.85 14.18 10.85
CA TYR A 36 14.15 13.12 11.80
C TYR A 36 14.77 13.68 13.08
N ASP A 37 15.59 14.73 12.97
CA ASP A 37 16.10 15.41 14.17
C ASP A 37 14.97 15.90 15.06
N PHE A 38 14.00 16.64 14.49
CA PHE A 38 12.86 17.09 15.27
C PHE A 38 12.14 15.90 15.91
N TYR A 39 11.92 14.84 15.12
CA TYR A 39 11.26 13.65 15.61
C TYR A 39 12.03 13.05 16.80
N ASN A 40 13.34 12.89 16.65
CA ASN A 40 14.14 12.27 17.72
C ASN A 40 14.18 13.13 18.97
N LYS A 41 14.04 14.46 18.82
CA LYS A 41 14.04 15.40 19.94
C LYS A 41 12.67 15.61 20.55
N GLY A 42 11.64 14.90 20.08
CA GLY A 42 10.34 15.10 20.67
C GLY A 42 9.63 16.34 20.20
N ARG A 43 10.19 17.03 19.22
CA ARG A 43 9.58 18.21 18.62
C ARG A 43 8.60 17.76 17.54
N ILE A 44 7.48 17.21 18.00
CA ILE A 44 6.56 16.50 17.12
C ILE A 44 5.83 17.47 16.19
N GLU A 45 5.45 18.64 16.68
CA GLU A 45 4.75 19.56 15.81
C GLU A 45 5.63 20.00 14.64
N GLU A 46 6.89 20.32 14.92
CA GLU A 46 7.84 20.69 13.87
C GLU A 46 8.13 19.52 12.94
N ALA A 47 8.32 18.33 13.50
CA ALA A 47 8.53 17.16 12.66
C ALA A 47 7.34 16.95 11.73
N GLU A 48 6.13 17.15 12.24
CA GLU A 48 4.93 16.97 11.42
C GLU A 48 4.90 17.96 10.26
N VAL A 49 5.24 19.22 10.51
CA VAL A 49 5.32 20.19 9.41
C VAL A 49 6.32 19.72 8.37
N PHE A 50 7.50 19.27 8.82
CA PHE A 50 8.56 18.88 7.90
C PHE A 50 8.21 17.61 7.12
N PHE A 51 7.62 16.60 7.78
CA PHE A 51 7.22 15.41 7.04
C PHE A 51 6.04 15.70 6.12
N ARG A 52 5.12 16.60 6.50
CA ARG A 52 4.08 17.00 5.54
C ARG A 52 4.70 17.68 4.33
N PHE A 53 5.69 18.54 4.57
CA PHE A 53 6.38 19.22 3.47
C PHE A 53 7.01 18.21 2.53
N LEU A 54 7.70 17.21 3.09
CA LEU A 54 8.32 16.17 2.29
C LEU A 54 7.28 15.40 1.47
N CYS A 55 6.14 15.07 2.07
CA CYS A 55 5.14 14.27 1.37
C CYS A 55 4.41 15.07 0.30
N ILE A 56 4.34 16.41 0.44
CA ILE A 56 3.82 17.23 -0.65
C ILE A 56 4.82 17.23 -1.79
N TYR A 57 6.11 17.29 -1.45
CA TYR A 57 7.15 17.36 -2.46
C TYR A 57 7.22 16.06 -3.25
N ASP A 58 7.10 14.91 -2.57
CA ASP A 58 7.17 13.63 -3.27
C ASP A 58 6.28 12.61 -2.55
N PHE A 59 5.01 12.57 -2.97
CA PHE A 59 4.06 11.65 -2.37
C PHE A 59 4.43 10.19 -2.60
N TYR A 60 5.33 9.89 -3.54
CA TYR A 60 5.71 8.51 -3.82
C TYR A 60 7.00 8.08 -3.15
N ASN A 61 7.46 8.79 -2.13
CA ASN A 61 8.70 8.46 -1.44
C ASN A 61 8.30 7.71 -0.17
N VAL A 62 8.64 6.42 -0.11
N VAL A 62 8.63 6.42 -0.13
CA VAL A 62 8.11 5.58 0.97
CA VAL A 62 8.15 5.57 0.97
C VAL A 62 8.64 6.02 2.32
C VAL A 62 8.63 6.09 2.32
N ASP A 63 9.89 6.50 2.40
CA ASP A 63 10.42 6.93 3.69
C ASP A 63 9.79 8.25 4.14
N TYR A 64 9.44 9.12 3.20
CA TYR A 64 8.71 10.33 3.57
C TYR A 64 7.35 9.97 4.13
N ILE A 65 6.65 9.04 3.47
N ILE A 65 6.63 9.06 3.46
CA ILE A 65 5.34 8.59 3.92
CA ILE A 65 5.33 8.61 3.94
C ILE A 65 5.45 7.93 5.29
C ILE A 65 5.46 7.95 5.31
N MET A 66 6.44 7.06 5.46
CA MET A 66 6.63 6.39 6.75
C MET A 66 6.88 7.39 7.88
N GLY A 67 7.59 8.48 7.59
CA GLY A 67 7.85 9.46 8.63
C GLY A 67 6.58 10.15 9.07
N LEU A 68 5.73 10.54 8.12
CA LEU A 68 4.46 11.16 8.48
C LEU A 68 3.55 10.16 9.19
N ALA A 69 3.55 8.89 8.75
CA ALA A 69 2.73 7.89 9.43
C ALA A 69 3.18 7.70 10.87
N ALA A 70 4.48 7.74 11.11
CA ALA A 70 5.00 7.59 12.46
C ALA A 70 4.52 8.73 13.36
N ILE A 71 4.52 9.95 12.82
CA ILE A 71 4.03 11.08 13.59
C ILE A 71 2.57 10.90 13.93
N TYR A 72 1.76 10.46 12.95
CA TYR A 72 0.34 10.27 13.24
C TYR A 72 0.14 9.18 14.29
N GLN A 73 0.95 8.11 14.23
CA GLN A 73 0.84 7.07 15.24
C GLN A 73 1.20 7.59 16.63
N ILE A 74 2.27 8.39 16.74
CA ILE A 74 2.64 8.99 18.03
C ILE A 74 1.51 9.87 18.57
N LYS A 75 0.86 10.63 17.70
CA LYS A 75 -0.25 11.49 18.10
C LYS A 75 -1.55 10.71 18.32
N GLU A 76 -1.49 9.36 18.23
CA GLU A 76 -2.64 8.49 18.46
C GLU A 76 -3.73 8.72 17.41
N GLN A 77 -3.32 9.17 16.23
CA GLN A 77 -4.20 9.24 15.06
C GLN A 77 -4.04 7.93 14.30
N PHE A 78 -4.59 6.86 14.90
CA PHE A 78 -4.20 5.50 14.52
C PHE A 78 -4.76 5.11 13.16
N GLN A 79 -5.99 5.53 12.84
CA GLN A 79 -6.54 5.20 11.54
C GLN A 79 -5.79 5.95 10.43
N GLN A 80 -5.52 7.23 10.65
CA GLN A 80 -4.73 7.99 9.67
C GLN A 80 -3.36 7.37 9.46
N ALA A 81 -2.71 6.93 10.55
CA ALA A 81 -1.41 6.27 10.42
C ALA A 81 -1.53 4.97 9.62
N ALA A 82 -2.53 4.16 9.96
CA ALA A 82 -2.72 2.88 9.28
C ALA A 82 -2.97 3.08 7.79
N ASP A 83 -3.73 4.13 7.44
CA ASP A 83 -3.97 4.44 6.03
C ASP A 83 -2.67 4.73 5.30
N LEU A 84 -1.82 5.57 5.89
CA LEU A 84 -0.53 5.88 5.26
C LEU A 84 0.38 4.66 5.22
N TYR A 85 0.36 3.84 6.27
CA TYR A 85 1.19 2.62 6.25
C TYR A 85 0.79 1.70 5.10
N ALA A 86 -0.50 1.64 4.75
CA ALA A 86 -0.90 0.78 3.65
C ALA A 86 -0.32 1.28 2.34
N VAL A 87 -0.36 2.60 2.13
CA VAL A 87 0.27 3.18 0.95
C VAL A 87 1.78 2.92 0.96
N ALA A 88 2.43 3.16 2.10
CA ALA A 88 3.87 2.93 2.18
C ALA A 88 4.23 1.48 1.86
N PHE A 89 3.43 0.52 2.35
CA PHE A 89 3.69 -0.87 2.02
C PHE A 89 3.61 -1.11 0.52
N ALA A 90 2.56 -0.58 -0.10
CA ALA A 90 2.35 -0.81 -1.52
C ALA A 90 3.48 -0.24 -2.36
N LEU A 91 3.95 0.96 -2.02
CA LEU A 91 4.99 1.56 -2.83
C LEU A 91 6.32 0.85 -2.63
N GLY A 92 6.58 0.35 -1.42
CA GLY A 92 7.82 -0.37 -1.16
C GLY A 92 7.82 -1.81 -1.61
N LYS A 93 6.62 -2.39 -1.81
CA LYS A 93 6.39 -3.78 -2.20
C LYS A 93 6.83 -4.87 -1.24
N ASN A 94 8.09 -4.85 -0.78
CA ASN A 94 8.62 -5.97 -0.02
C ASN A 94 9.11 -5.62 1.39
N ASP A 95 8.80 -4.43 1.91
CA ASP A 95 9.19 -4.05 3.26
C ASP A 95 7.96 -4.17 4.16
N TYR A 96 8.02 -5.09 5.14
CA TYR A 96 6.89 -5.35 6.02
C TYR A 96 6.89 -4.49 7.29
N THR A 97 7.84 -3.56 7.42
CA THR A 97 7.80 -2.62 8.55
C THR A 97 6.49 -1.86 8.61
N PRO A 98 5.96 -1.28 7.52
CA PRO A 98 4.64 -0.63 7.64
C PRO A 98 3.53 -1.58 8.06
N VAL A 99 3.62 -2.87 7.69
CA VAL A 99 2.59 -3.82 8.09
C VAL A 99 2.66 -4.08 9.59
N PHE A 100 3.89 -4.17 10.14
CA PHE A 100 4.07 -4.28 11.57
C PHE A 100 3.43 -3.11 12.31
N HIS A 101 3.71 -1.88 11.86
CA HIS A 101 3.14 -0.73 12.54
C HIS A 101 1.63 -0.66 12.37
N THR A 102 1.10 -1.10 11.22
CA THR A 102 -0.35 -1.22 11.07
C THR A 102 -0.93 -2.17 12.12
N GLY A 103 -0.23 -3.27 12.39
CA GLY A 103 -0.70 -4.17 13.44
C GLY A 103 -0.78 -3.47 14.78
N GLN A 104 0.22 -2.65 15.11
CA GLN A 104 0.16 -1.88 16.36
C GLN A 104 -1.05 -0.96 16.37
N CYS A 105 -1.28 -0.24 15.25
CA CYS A 105 -2.41 0.67 15.16
C CYS A 105 -3.72 -0.07 15.34
N GLN A 106 -3.84 -1.26 14.74
CA GLN A 106 -5.09 -2.00 14.86
C GLN A 106 -5.36 -2.42 16.30
N LEU A 107 -4.31 -2.80 17.04
CA LEU A 107 -4.49 -3.09 18.47
C LEU A 107 -5.03 -1.86 19.19
N ARG A 108 -4.51 -0.68 18.88
CA ARG A 108 -4.99 0.52 19.56
C ARG A 108 -6.40 0.88 19.13
N LEU A 109 -6.81 0.46 17.94
CA LEU A 109 -8.17 0.66 17.46
C LEU A 109 -9.12 -0.45 17.91
N LYS A 110 -8.67 -1.32 18.81
CA LYS A 110 -9.49 -2.41 19.36
C LYS A 110 -9.96 -3.37 18.27
N ALA A 111 -9.05 -3.68 17.34
CA ALA A 111 -9.30 -4.60 16.25
C ALA A 111 -8.25 -5.71 16.29
N PRO A 112 -8.28 -6.56 17.34
CA PRO A 112 -7.17 -7.52 17.53
C PRO A 112 -7.06 -8.57 16.45
N LEU A 113 -8.16 -8.96 15.80
CA LEU A 113 -8.05 -9.94 14.74
C LEU A 113 -7.39 -9.35 13.51
N LYS A 114 -7.68 -8.08 13.21
CA LYS A 114 -6.96 -7.40 12.13
C LYS A 114 -5.48 -7.27 12.46
N ALA A 115 -5.16 -6.92 13.71
CA ALA A 115 -3.77 -6.82 14.13
C ALA A 115 -3.07 -8.17 13.99
N LYS A 116 -3.72 -9.23 14.44
CA LYS A 116 -3.14 -10.56 14.34
C LYS A 116 -2.78 -10.89 12.89
N GLU A 117 -3.68 -10.57 11.96
CA GLU A 117 -3.40 -10.84 10.55
C GLU A 117 -2.18 -10.06 10.07
N CYS A 118 -2.04 -8.80 10.53
CA CYS A 118 -0.87 -8.00 10.18
C CYS A 118 0.41 -8.65 10.69
N PHE A 119 0.44 -9.00 11.97
CA PHE A 119 1.67 -9.56 12.52
C PHE A 119 2.00 -10.90 11.89
N GLU A 120 0.97 -11.71 11.60
CA GLU A 120 1.19 -12.99 10.92
C GLU A 120 1.74 -12.79 9.51
N LEU A 121 1.29 -11.75 8.80
CA LEU A 121 1.84 -11.49 7.47
C LEU A 121 3.32 -11.16 7.56
N VAL A 122 3.71 -10.38 8.57
CA VAL A 122 5.12 -10.08 8.77
C VAL A 122 5.92 -11.38 8.95
N ILE A 123 5.42 -12.27 9.81
N ILE A 123 5.42 -12.30 9.77
CA ILE A 123 6.08 -13.55 10.07
CA ILE A 123 6.19 -13.52 10.03
C ILE A 123 6.21 -14.36 8.78
C ILE A 123 6.18 -14.45 8.81
N GLN A 124 5.14 -14.40 7.99
CA GLN A 124 5.09 -15.27 6.82
C GLN A 124 5.93 -14.77 5.66
N HIS A 125 6.07 -13.44 5.48
CA HIS A 125 6.70 -12.90 4.28
C HIS A 125 8.02 -12.18 4.51
N SER A 126 8.24 -11.59 5.68
CA SER A 126 9.41 -10.74 5.86
C SER A 126 10.69 -11.56 5.97
N ASN A 127 11.77 -11.01 5.44
CA ASN A 127 13.12 -11.56 5.63
C ASN A 127 13.91 -10.76 6.67
N ASP A 128 13.26 -9.80 7.33
CA ASP A 128 13.86 -8.97 8.37
C ASP A 128 13.70 -9.69 9.70
N GLU A 129 14.78 -10.35 10.17
CA GLU A 129 14.65 -11.20 11.34
C GLU A 129 14.35 -10.42 12.61
N LYS A 130 14.92 -9.22 12.77
CA LYS A 130 14.62 -8.44 13.96
C LYS A 130 13.18 -7.98 13.95
N LEU A 131 12.65 -7.64 12.78
CA LEU A 131 11.25 -7.24 12.69
C LEU A 131 10.33 -8.41 13.00
N LYS A 132 10.67 -9.62 12.53
CA LYS A 132 9.84 -10.78 12.85
C LYS A 132 9.84 -11.10 14.33
N ILE A 133 10.97 -10.89 15.01
CA ILE A 133 11.03 -11.09 16.45
C ILE A 133 10.02 -10.17 17.14
N LYS A 134 9.98 -8.90 16.74
CA LYS A 134 9.02 -7.96 17.30
C LYS A 134 7.59 -8.38 16.99
N ALA A 135 7.32 -8.78 15.74
CA ALA A 135 5.97 -9.20 15.38
C ALA A 135 5.51 -10.39 16.21
N GLN A 136 6.41 -11.35 16.45
CA GLN A 136 6.06 -12.52 17.26
C GLN A 136 5.78 -12.15 18.71
N SER A 137 6.51 -11.16 19.23
CA SER A 137 6.26 -10.72 20.60
C SER A 137 4.85 -10.15 20.72
N TYR A 138 4.38 -9.45 19.69
CA TYR A 138 2.99 -8.99 19.69
C TYR A 138 2.01 -10.16 19.57
N LEU A 139 2.28 -11.11 18.66
CA LEU A 139 1.40 -12.27 18.55
C LEU A 139 1.32 -13.01 19.89
N ASP A 140 2.44 -13.10 20.61
CA ASP A 140 2.44 -13.78 21.90
C ASP A 140 1.55 -13.07 22.92
N ALA A 141 1.45 -11.75 22.83
CA ALA A 141 0.60 -11.01 23.77
C ALA A 141 -0.88 -11.09 23.42
N ILE A 142 -1.20 -11.18 22.12
CA ILE A 142 -2.58 -11.19 21.66
C ILE A 142 -3.29 -12.45 22.13
N GLN A 143 -4.49 -12.30 22.67
CA GLN A 143 -5.21 -13.42 23.26
C GLN A 143 -5.78 -14.36 22.20
N GLY B 1 -2.99 10.47 -9.42
CA GLY B 1 -3.82 9.28 -9.48
C GLY B 1 -4.43 8.92 -8.15
N SER B 2 -4.98 7.70 -8.05
CA SER B 2 -5.68 7.30 -6.83
C SER B 2 -4.75 7.36 -5.62
N ILE B 3 -3.48 6.98 -5.79
CA ILE B 3 -2.58 6.92 -4.65
C ILE B 3 -2.21 8.31 -4.17
N SER B 4 -1.90 9.22 -5.10
CA SER B 4 -1.59 10.59 -4.69
C SER B 4 -2.79 11.25 -4.00
N THR B 5 -4.00 10.97 -4.48
CA THR B 5 -5.19 11.47 -3.78
C THR B 5 -5.23 10.96 -2.35
N ALA B 6 -4.99 9.65 -2.17
CA ALA B 6 -4.99 9.10 -0.82
C ALA B 6 -3.95 9.76 0.06
N VAL B 7 -2.76 10.04 -0.49
CA VAL B 7 -1.71 10.64 0.32
C VAL B 7 -2.03 12.09 0.64
N ILE B 8 -2.53 12.86 -0.33
CA ILE B 8 -2.91 14.25 -0.07
C ILE B 8 -4.00 14.31 0.99
N ASP B 9 -5.02 13.44 0.89
CA ASP B 9 -6.06 13.39 1.91
C ASP B 9 -5.46 13.20 3.29
N ALA B 10 -4.44 12.33 3.39
CA ALA B 10 -3.81 12.05 4.67
C ALA B 10 -2.94 13.19 5.15
N ILE B 11 -2.23 13.85 4.23
CA ILE B 11 -1.46 15.04 4.59
C ILE B 11 -2.39 16.10 5.19
N ASN B 12 -3.48 16.40 4.48
CA ASN B 12 -4.36 17.50 4.84
C ASN B 12 -5.35 17.17 5.96
N SER B 13 -5.58 15.89 6.23
CA SER B 13 -6.71 15.44 7.05
C SER B 13 -6.84 16.14 8.38
N ILE B 20 -17.52 11.45 6.15
CA ILE B 20 -18.73 12.19 6.48
C ILE B 20 -19.96 11.48 5.95
N ASN B 21 -19.77 10.24 5.50
CA ASN B 21 -20.84 9.40 4.96
C ASN B 21 -21.63 10.13 3.88
N ALA B 22 -20.91 10.71 2.93
CA ALA B 22 -21.53 11.48 1.86
C ALA B 22 -22.26 10.60 0.86
N ILE B 23 -21.88 9.34 0.71
CA ILE B 23 -22.58 8.45 -0.21
C ILE B 23 -22.92 7.16 0.53
N PRO B 24 -24.19 6.75 0.52
CA PRO B 24 -24.59 5.53 1.24
C PRO B 24 -24.00 4.28 0.61
N ASP B 25 -23.92 3.23 1.42
CA ASP B 25 -23.35 1.97 0.95
C ASP B 25 -24.10 1.43 -0.25
N ASP B 26 -25.43 1.56 -0.25
CA ASP B 26 -26.23 1.04 -1.35
C ASP B 26 -25.92 1.75 -2.66
N MET B 27 -25.72 3.07 -2.60
CA MET B 27 -25.37 3.82 -3.81
C MET B 27 -23.97 3.47 -4.28
N MET B 28 -23.04 3.30 -3.36
CA MET B 28 -21.69 2.89 -3.73
C MET B 28 -21.71 1.54 -4.43
N ASP B 29 -22.50 0.59 -3.90
CA ASP B 29 -22.68 -0.69 -4.57
C ASP B 29 -23.21 -0.53 -5.99
N ASP B 30 -24.19 0.37 -6.17
CA ASP B 30 -24.75 0.59 -7.49
C ASP B 30 -23.70 1.15 -8.46
N ILE B 31 -22.91 2.12 -8.01
CA ILE B 31 -21.90 2.72 -8.88
C ILE B 31 -20.84 1.70 -9.26
N TYR B 32 -20.46 0.82 -8.32
CA TYR B 32 -19.51 -0.25 -8.62
C TYR B 32 -20.07 -1.18 -9.70
N SER B 33 -21.35 -1.53 -9.62
CA SER B 33 -21.93 -2.38 -10.66
C SER B 33 -21.98 -1.68 -12.01
N TYR B 34 -22.23 -0.34 -12.00
CA TYR B 34 -22.18 0.41 -13.25
C TYR B 34 -20.77 0.42 -13.82
N ALA B 35 -19.77 0.56 -12.95
CA ALA B 35 -18.38 0.53 -13.41
C ALA B 35 -18.09 -0.76 -14.16
N TYR B 36 -18.52 -1.90 -13.62
CA TYR B 36 -18.27 -3.16 -14.30
C TYR B 36 -19.14 -3.34 -15.53
N ASP B 37 -20.36 -2.77 -15.55
CA ASP B 37 -21.14 -2.75 -16.79
C ASP B 37 -20.32 -2.13 -17.92
N PHE B 38 -19.73 -0.95 -17.68
CA PHE B 38 -18.87 -0.32 -18.66
C PHE B 38 -17.69 -1.23 -18.99
N TYR B 39 -17.01 -1.74 -17.96
CA TYR B 39 -15.84 -2.58 -18.17
C TYR B 39 -16.17 -3.79 -19.02
N ASN B 40 -17.25 -4.50 -18.66
CA ASN B 40 -17.60 -5.74 -19.35
C ASN B 40 -17.96 -5.50 -20.81
N LYS B 41 -18.41 -4.30 -21.14
CA LYS B 41 -18.75 -3.94 -22.52
C LYS B 41 -17.56 -3.37 -23.29
N GLY B 42 -16.38 -3.31 -22.69
CA GLY B 42 -15.22 -2.75 -23.35
C GLY B 42 -15.12 -1.26 -23.28
N ARG B 43 -16.00 -0.60 -22.52
CA ARG B 43 -15.94 0.85 -22.32
C ARG B 43 -14.97 1.15 -21.18
N ILE B 44 -13.69 0.94 -21.48
CA ILE B 44 -12.65 0.94 -20.44
C ILE B 44 -12.45 2.34 -19.87
N GLU B 45 -12.56 3.37 -20.72
CA GLU B 45 -12.36 4.74 -20.25
C GLU B 45 -13.43 5.16 -19.27
N GLU B 46 -14.70 4.85 -19.56
CA GLU B 46 -15.77 5.14 -18.60
C GLU B 46 -15.60 4.33 -17.32
N ALA B 47 -15.25 3.04 -17.44
CA ALA B 47 -15.01 2.24 -16.25
C ALA B 47 -13.90 2.84 -15.40
N GLU B 48 -12.84 3.33 -16.04
CA GLU B 48 -11.74 3.91 -15.30
C GLU B 48 -12.18 5.12 -14.50
N VAL B 49 -12.99 5.99 -15.11
CA VAL B 49 -13.52 7.14 -14.39
C VAL B 49 -14.34 6.69 -13.19
N PHE B 50 -15.21 5.69 -13.39
CA PHE B 50 -16.06 5.25 -12.29
C PHE B 50 -15.23 4.61 -11.17
N PHE B 51 -14.23 3.80 -11.51
CA PHE B 51 -13.41 3.23 -10.45
C PHE B 51 -12.54 4.29 -9.78
N ARG B 52 -12.07 5.30 -10.55
CA ARG B 52 -11.35 6.41 -9.92
C ARG B 52 -12.25 7.21 -8.98
N PHE B 53 -13.50 7.40 -9.38
CA PHE B 53 -14.48 8.03 -8.51
C PHE B 53 -14.65 7.23 -7.22
N LEU B 54 -14.83 5.91 -7.35
CA LEU B 54 -14.99 5.06 -6.17
C LEU B 54 -13.75 5.15 -5.27
N CYS B 55 -12.57 5.15 -5.88
CA CYS B 55 -11.32 5.20 -5.11
C CYS B 55 -11.05 6.57 -4.50
N ILE B 56 -11.64 7.64 -5.03
CA ILE B 56 -11.58 8.91 -4.30
C ILE B 56 -12.47 8.86 -3.08
N TYR B 57 -13.65 8.27 -3.20
CA TYR B 57 -14.56 8.23 -2.06
C TYR B 57 -14.10 7.26 -0.98
N ASP B 58 -13.61 6.08 -1.39
CA ASP B 58 -13.28 5.02 -0.42
C ASP B 58 -12.06 4.28 -1.00
N PHE B 59 -10.88 4.89 -0.83
CA PHE B 59 -9.68 4.32 -1.41
C PHE B 59 -9.31 2.99 -0.79
N TYR B 60 -9.65 2.78 0.47
CA TYR B 60 -9.22 1.60 1.22
C TYR B 60 -10.20 0.45 1.12
N ASN B 61 -10.75 0.27 -0.08
CA ASN B 61 -11.72 -0.77 -0.42
C ASN B 61 -11.09 -1.70 -1.45
N VAL B 62 -10.91 -2.97 -1.08
CA VAL B 62 -10.17 -3.89 -1.93
C VAL B 62 -10.85 -4.07 -3.29
N ASP B 63 -12.18 -4.05 -3.33
CA ASP B 63 -12.87 -4.30 -4.60
C ASP B 63 -12.69 -3.13 -5.56
N TYR B 64 -12.67 -1.90 -5.04
CA TYR B 64 -12.44 -0.75 -5.90
C TYR B 64 -11.01 -0.73 -6.43
N ILE B 65 -10.05 -0.97 -5.54
CA ILE B 65 -8.64 -0.96 -5.93
C ILE B 65 -8.37 -2.03 -6.99
N MET B 66 -8.87 -3.26 -6.78
CA MET B 66 -8.65 -4.34 -7.75
C MET B 66 -9.23 -4.00 -9.12
N GLY B 67 -10.39 -3.33 -9.16
CA GLY B 67 -10.97 -2.96 -10.44
C GLY B 67 -10.10 -1.97 -11.19
N LEU B 68 -9.62 -0.96 -10.48
CA LEU B 68 -8.76 0.02 -11.13
C LEU B 68 -7.43 -0.60 -11.53
N ALA B 69 -6.86 -1.48 -10.69
CA ALA B 69 -5.59 -2.09 -11.04
C ALA B 69 -5.71 -2.92 -12.31
N ALA B 70 -6.83 -3.61 -12.49
CA ALA B 70 -7.06 -4.39 -13.69
C ALA B 70 -7.08 -3.51 -14.93
N ILE B 71 -7.72 -2.34 -14.83
CA ILE B 71 -7.76 -1.44 -15.97
C ILE B 71 -6.36 -0.98 -16.36
N TYR B 72 -5.53 -0.62 -15.38
CA TYR B 72 -4.17 -0.19 -15.70
C TYR B 72 -3.35 -1.32 -16.30
N GLN B 73 -3.52 -2.55 -15.83
CA GLN B 73 -2.78 -3.65 -16.43
C GLN B 73 -3.19 -3.85 -17.88
N ILE B 74 -4.49 -3.78 -18.16
CA ILE B 74 -4.97 -3.88 -19.54
C ILE B 74 -4.40 -2.76 -20.40
N LYS B 75 -4.34 -1.55 -19.87
CA LYS B 75 -3.81 -0.41 -20.61
C LYS B 75 -2.28 -0.38 -20.62
N GLU B 76 -1.63 -1.40 -20.07
CA GLU B 76 -0.17 -1.52 -20.05
C GLU B 76 0.48 -0.39 -19.25
N GLN B 77 -0.25 0.12 -18.26
CA GLN B 77 0.31 1.03 -17.26
C GLN B 77 0.75 0.19 -16.06
N PHE B 78 1.85 -0.52 -16.27
CA PHE B 78 2.20 -1.63 -15.39
C PHE B 78 2.67 -1.17 -14.02
N GLN B 79 3.37 -0.03 -13.93
CA GLN B 79 3.78 0.44 -12.61
C GLN B 79 2.57 0.85 -11.77
N GLN B 80 1.65 1.62 -12.37
CA GLN B 80 0.44 1.98 -11.63
C GLN B 80 -0.36 0.77 -11.23
N ALA B 81 -0.47 -0.22 -12.12
CA ALA B 81 -1.17 -1.46 -11.80
C ALA B 81 -0.49 -2.18 -10.64
N ALA B 82 0.83 -2.33 -10.70
CA ALA B 82 1.54 -3.04 -9.64
C ALA B 82 1.37 -2.34 -8.30
N ASP B 83 1.42 -1.01 -8.30
CA ASP B 83 1.26 -0.27 -7.05
C ASP B 83 -0.11 -0.53 -6.44
N LEU B 84 -1.17 -0.47 -7.26
CA LEU B 84 -2.52 -0.69 -6.75
C LEU B 84 -2.73 -2.15 -6.31
N TYR B 85 -2.20 -3.11 -7.06
CA TYR B 85 -2.32 -4.50 -6.63
C TYR B 85 -1.67 -4.69 -5.26
N ALA B 86 -0.55 -4.00 -5.02
CA ALA B 86 0.08 -4.11 -3.71
C ALA B 86 -0.80 -3.50 -2.63
N VAL B 87 -1.49 -2.37 -2.92
CA VAL B 87 -2.46 -1.86 -1.97
C VAL B 87 -3.54 -2.91 -1.69
N ALA B 88 -4.06 -3.52 -2.77
CA ALA B 88 -5.12 -4.51 -2.59
C ALA B 88 -4.67 -5.64 -1.68
N PHE B 89 -3.42 -6.11 -1.84
CA PHE B 89 -2.94 -7.17 -0.98
C PHE B 89 -2.88 -6.72 0.47
N ALA B 90 -2.38 -5.51 0.73
CA ALA B 90 -2.35 -4.99 2.09
C ALA B 90 -3.76 -4.94 2.67
N LEU B 91 -4.74 -4.58 1.83
CA LEU B 91 -6.12 -4.55 2.30
C LEU B 91 -6.71 -5.95 2.46
N GLY B 92 -6.30 -6.90 1.61
CA GLY B 92 -6.79 -8.28 1.64
C GLY B 92 -5.66 -9.29 1.71
N LYS B 93 -5.10 -9.45 2.91
CA LYS B 93 -3.87 -10.21 3.16
C LYS B 93 -3.96 -11.70 2.83
N ASN B 94 -5.15 -12.25 2.57
CA ASN B 94 -5.25 -13.69 2.38
C ASN B 94 -5.56 -14.08 0.94
N ASP B 95 -5.60 -13.12 0.02
CA ASP B 95 -5.83 -13.36 -1.39
C ASP B 95 -4.53 -13.10 -2.15
N TYR B 96 -3.95 -14.13 -2.75
CA TYR B 96 -2.69 -13.95 -3.46
C TYR B 96 -2.89 -13.61 -4.93
N THR B 97 -4.14 -13.46 -5.38
CA THR B 97 -4.37 -12.99 -6.76
C THR B 97 -3.69 -11.66 -7.03
N PRO B 98 -3.81 -10.62 -6.19
CA PRO B 98 -3.07 -9.37 -6.48
C PRO B 98 -1.57 -9.55 -6.50
N VAL B 99 -1.02 -10.50 -5.73
CA VAL B 99 0.41 -10.74 -5.76
C VAL B 99 0.81 -11.38 -7.08
N PHE B 100 0.00 -12.33 -7.57
CA PHE B 100 0.23 -12.92 -8.88
C PHE B 100 0.23 -11.84 -9.97
N HIS B 101 -0.76 -10.95 -9.96
CA HIS B 101 -0.80 -9.92 -10.98
C HIS B 101 0.36 -8.94 -10.85
N THR B 102 0.79 -8.63 -9.62
CA THR B 102 1.98 -7.79 -9.45
C THR B 102 3.19 -8.44 -10.09
N GLY B 103 3.32 -9.76 -9.97
CA GLY B 103 4.43 -10.44 -10.61
C GLY B 103 4.41 -10.29 -12.12
N GLN B 104 3.22 -10.39 -12.72
CA GLN B 104 3.10 -10.15 -14.15
C GLN B 104 3.56 -8.76 -14.52
N CYS B 105 3.10 -7.76 -13.74
CA CYS B 105 3.48 -6.38 -14.02
C CYS B 105 5.00 -6.18 -13.91
N GLN B 106 5.62 -6.78 -12.89
CA GLN B 106 7.06 -6.60 -12.72
C GLN B 106 7.84 -7.19 -13.88
N LEU B 107 7.40 -8.34 -14.41
CA LEU B 107 8.03 -8.89 -15.61
C LEU B 107 7.97 -7.89 -16.75
N ARG B 108 6.82 -7.25 -16.96
CA ARG B 108 6.69 -6.28 -18.04
C ARG B 108 7.54 -5.05 -17.77
N LEU B 109 7.80 -4.75 -16.50
CA LEU B 109 8.67 -3.64 -16.10
C LEU B 109 10.15 -4.02 -16.12
N LYS B 110 10.50 -5.18 -16.66
CA LYS B 110 11.89 -5.64 -16.75
C LYS B 110 12.51 -5.76 -15.36
N ALA B 111 11.74 -6.29 -14.42
CA ALA B 111 12.19 -6.53 -13.05
C ALA B 111 11.96 -8.00 -12.71
N PRO B 112 12.68 -8.91 -13.37
CA PRO B 112 12.36 -10.34 -13.21
C PRO B 112 12.61 -10.87 -11.81
N LEU B 113 13.57 -10.29 -11.07
CA LEU B 113 13.80 -10.76 -9.71
C LEU B 113 12.63 -10.36 -8.79
N LYS B 114 12.07 -9.16 -8.98
CA LYS B 114 10.88 -8.79 -8.23
C LYS B 114 9.71 -9.70 -8.60
N ALA B 115 9.56 -9.99 -9.90
CA ALA B 115 8.49 -10.87 -10.34
C ALA B 115 8.65 -12.26 -9.75
N LYS B 116 9.88 -12.80 -9.77
CA LYS B 116 10.12 -14.12 -9.21
C LYS B 116 9.69 -14.19 -7.74
N GLU B 117 10.00 -13.15 -6.97
CA GLU B 117 9.61 -13.12 -5.57
C GLU B 117 8.09 -13.14 -5.42
N CYS B 118 7.38 -12.41 -6.30
CA CYS B 118 5.92 -12.44 -6.27
C CYS B 118 5.39 -13.84 -6.50
N PHE B 119 5.87 -14.50 -7.57
CA PHE B 119 5.35 -15.82 -7.89
C PHE B 119 5.72 -16.83 -6.81
N GLU B 120 6.91 -16.69 -6.22
CA GLU B 120 7.29 -17.59 -5.13
C GLU B 120 6.38 -17.43 -3.93
N LEU B 121 5.97 -16.19 -3.63
CA LEU B 121 5.04 -15.99 -2.52
C LEU B 121 3.72 -16.72 -2.76
N VAL B 122 3.22 -16.68 -4.00
CA VAL B 122 2.00 -17.39 -4.34
C VAL B 122 2.14 -18.88 -4.07
N ILE B 123 3.26 -19.46 -4.52
CA ILE B 123 3.39 -20.90 -4.41
C ILE B 123 3.54 -21.32 -2.96
N GLN B 124 4.20 -20.50 -2.15
CA GLN B 124 4.43 -20.86 -0.77
C GLN B 124 3.21 -20.63 0.13
N HIS B 125 2.38 -19.64 -0.20
CA HIS B 125 1.35 -19.19 0.74
C HIS B 125 -0.10 -19.31 0.26
N SER B 126 -0.35 -19.34 -1.04
CA SER B 126 -1.71 -19.42 -1.52
C SER B 126 -2.25 -20.84 -1.38
N ASN B 127 -3.54 -20.95 -1.09
CA ASN B 127 -4.23 -22.24 -1.13
C ASN B 127 -5.05 -22.41 -2.39
N ASP B 128 -4.91 -21.50 -3.34
CA ASP B 128 -5.57 -21.56 -4.64
C ASP B 128 -4.68 -22.39 -5.56
N GLU B 129 -5.05 -23.66 -5.77
CA GLU B 129 -4.15 -24.57 -6.49
C GLU B 129 -3.98 -24.16 -7.94
N LYS B 130 -5.03 -23.63 -8.58
CA LYS B 130 -4.92 -23.20 -9.97
C LYS B 130 -4.05 -21.95 -10.11
N LEU B 131 -4.14 -21.04 -9.14
CA LEU B 131 -3.28 -19.86 -9.18
C LEU B 131 -1.82 -20.27 -9.02
N LYS B 132 -1.56 -21.29 -8.20
CA LYS B 132 -0.20 -21.78 -8.01
C LYS B 132 0.38 -22.32 -9.30
N ILE B 133 -0.42 -23.07 -10.09
CA ILE B 133 0.06 -23.54 -11.39
C ILE B 133 0.43 -22.38 -12.29
N LYS B 134 -0.41 -21.35 -12.35
CA LYS B 134 -0.11 -20.20 -13.18
C LYS B 134 1.17 -19.51 -12.72
N ALA B 135 1.34 -19.34 -11.41
CA ALA B 135 2.56 -18.74 -10.88
C ALA B 135 3.79 -19.57 -11.24
N GLN B 136 3.66 -20.90 -11.15
CA GLN B 136 4.80 -21.77 -11.47
C GLN B 136 5.15 -21.68 -12.94
N SER B 137 4.16 -21.52 -13.82
CA SER B 137 4.46 -21.41 -15.25
C SER B 137 5.30 -20.17 -15.53
N TYR B 138 5.06 -19.08 -14.79
CA TYR B 138 5.90 -17.91 -14.92
C TYR B 138 7.31 -18.17 -14.38
N LEU B 139 7.40 -18.80 -13.20
CA LEU B 139 8.72 -19.12 -12.66
C LEU B 139 9.52 -19.99 -13.61
N ASP B 140 8.85 -20.94 -14.28
CA ASP B 140 9.58 -21.82 -15.20
C ASP B 140 10.17 -21.05 -16.37
N ALA B 141 9.51 -19.98 -16.80
CA ALA B 141 10.02 -19.11 -17.86
C ALA B 141 11.07 -18.13 -17.38
N ILE B 142 11.28 -18.04 -16.07
N ILE B 142 11.25 -17.98 -16.07
CA ILE B 142 12.23 -17.11 -15.45
CA ILE B 142 12.27 -17.08 -15.54
C ILE B 142 11.75 -15.68 -15.64
C ILE B 142 13.50 -17.87 -15.10
#